data_3KMT
#
_entry.id   3KMT
#
_cell.length_a   155.085
_cell.length_b   38.722
_cell.length_c   73.208
_cell.angle_alpha   90.00
_cell.angle_beta   107.80
_cell.angle_gamma   90.00
#
_symmetry.space_group_name_H-M   'C 1 2 1'
#
loop_
_entity.id
_entity.type
_entity.pdbx_description
1 polymer 'A612L protein'
2 polymer 'Histone H3'
3 non-polymer S-ADENOSYL-L-HOMOCYSTEINE
4 water water
#
loop_
_entity_poly.entity_id
_entity_poly.type
_entity_poly.pdbx_seq_one_letter_code
_entity_poly.pdbx_strand_id
1 'polypeptide(L)'
;MFNDRVIVKKSPLGGYGVFARKSFEKGELVEECLCIVRHNDDWGTALEDYLFSRKNMSAMALGFGAIFNHSKDPNARHEL
TAGLKRMRIFTIKPIAIGEEITISYGDDYWLSRPRLTQN
;
A,B,C
2 'polypeptide(L)' AR(MLZ)SAPAT G,H,I
#
# COMPACT_ATOMS: atom_id res chain seq x y z
N MET A 1 -10.96 -2.41 -7.15
CA MET A 1 -11.04 -3.42 -6.06
C MET A 1 -11.37 -2.70 -4.74
N PHE A 2 -12.51 -3.02 -4.16
CA PHE A 2 -12.93 -2.38 -2.92
C PHE A 2 -14.05 -3.11 -2.21
N ASN A 3 -14.36 -2.63 -1.01
CA ASN A 3 -15.47 -3.13 -0.20
C ASN A 3 -15.98 -1.92 0.58
N ASP A 4 -16.75 -2.14 1.64
CA ASP A 4 -17.29 -1.03 2.41
C ASP A 4 -16.25 -0.31 3.27
N ARG A 5 -15.20 -1.03 3.65
CA ARG A 5 -14.16 -0.51 4.51
C ARG A 5 -12.94 0.09 3.81
N VAL A 6 -12.48 -0.55 2.73
CA VAL A 6 -11.29 -0.08 2.04
C VAL A 6 -11.37 -0.08 0.52
N ILE A 7 -10.39 0.56 -0.11
CA ILE A 7 -10.29 0.62 -1.57
C ILE A 7 -8.83 0.48 -1.93
N VAL A 8 -8.58 -0.12 -3.09
CA VAL A 8 -7.22 -0.29 -3.58
C VAL A 8 -6.99 0.75 -4.67
N LYS A 9 -5.91 1.52 -4.55
CA LYS A 9 -5.59 2.54 -5.55
C LYS A 9 -4.10 2.84 -5.48
N LYS A 10 -3.62 3.63 -6.42
CA LYS A 10 -2.21 4.00 -6.48
C LYS A 10 -1.72 4.59 -5.17
N SER A 11 -0.57 4.13 -4.70
CA SER A 11 0.03 4.61 -3.45
C SER A 11 1.33 5.36 -3.70
N PRO A 12 1.58 6.42 -2.91
CA PRO A 12 2.81 7.22 -3.05
C PRO A 12 4.02 6.39 -2.62
N LEU A 13 3.77 5.34 -1.85
CA LEU A 13 4.83 4.46 -1.37
C LEU A 13 5.34 3.55 -2.48
N GLY A 14 4.47 3.24 -3.43
CA GLY A 14 4.84 2.37 -4.53
C GLY A 14 3.68 1.52 -5.00
N GLY A 15 3.52 1.43 -6.32
CA GLY A 15 2.44 0.65 -6.90
C GLY A 15 1.07 0.91 -6.29
N TYR A 16 0.37 -0.17 -5.96
CA TYR A 16 -0.96 -0.10 -5.35
C TYR A 16 -0.87 -0.24 -3.84
N GLY A 17 -1.85 0.33 -3.15
CA GLY A 17 -1.89 0.25 -1.71
C GLY A 17 -3.34 0.15 -1.27
N VAL A 18 -3.59 -0.13 0.00
CA VAL A 18 -4.95 -0.22 0.50
C VAL A 18 -5.27 1.03 1.29
N PHE A 19 -6.39 1.68 0.95
CA PHE A 19 -6.80 2.92 1.60
C PHE A 19 -8.14 2.81 2.32
N ALA A 20 -8.30 3.62 3.38
CA ALA A 20 -9.52 3.62 4.16
C ALA A 20 -10.68 4.32 3.44
N ARG A 21 -11.82 3.64 3.35
CA ARG A 21 -13.01 4.22 2.72
C ARG A 21 -13.84 4.91 3.79
N LYS A 22 -13.65 4.48 5.03
CA LYS A 22 -14.38 5.02 6.17
C LYS A 22 -13.36 5.22 7.29
N SER A 23 -13.78 5.89 8.36
CA SER A 23 -12.88 6.09 9.48
C SER A 23 -12.82 4.81 10.29
N PHE A 24 -11.69 4.58 10.94
CA PHE A 24 -11.48 3.39 11.76
C PHE A 24 -11.10 3.80 13.17
N GLU A 25 -11.59 3.05 14.15
CA GLU A 25 -11.28 3.31 15.54
C GLU A 25 -9.99 2.55 15.85
N LYS A 26 -9.35 2.88 16.96
CA LYS A 26 -8.13 2.19 17.35
C LYS A 26 -8.47 0.74 17.68
N GLY A 27 -7.71 -0.20 17.12
CA GLY A 27 -7.96 -1.60 17.38
C GLY A 27 -9.03 -2.26 16.54
N GLU A 28 -9.65 -1.51 15.63
CA GLU A 28 -10.71 -2.06 14.79
C GLU A 28 -10.16 -3.01 13.72
N LEU A 29 -10.92 -4.04 13.40
CA LEU A 29 -10.51 -5.01 12.38
C LEU A 29 -10.66 -4.37 11.01
N VAL A 30 -9.59 -4.37 10.23
CA VAL A 30 -9.61 -3.78 8.90
C VAL A 30 -9.93 -4.83 7.84
N GLU A 31 -9.28 -5.98 7.96
CA GLU A 31 -9.45 -7.04 6.99
C GLU A 31 -9.12 -8.41 7.56
N GLU A 32 -9.90 -9.41 7.15
CA GLU A 32 -9.68 -10.78 7.56
C GLU A 32 -9.72 -11.59 6.27
N CYS A 33 -8.65 -12.30 5.96
CA CYS A 33 -8.61 -13.07 4.74
C CYS A 33 -7.99 -14.46 4.91
N LEU A 34 -8.37 -15.37 4.02
CA LEU A 34 -7.82 -16.72 4.03
C LEU A 34 -6.48 -16.69 3.33
N CYS A 35 -5.62 -17.65 3.64
CA CYS A 35 -4.30 -17.75 3.03
C CYS A 35 -4.04 -19.15 2.52
N ILE A 36 -3.29 -19.26 1.42
CA ILE A 36 -2.93 -20.57 0.86
C ILE A 36 -1.54 -20.81 1.45
N VAL A 37 -1.38 -21.94 2.15
CA VAL A 37 -0.12 -22.28 2.82
C VAL A 37 0.61 -23.50 2.26
N ARG A 38 1.92 -23.35 2.05
CA ARG A 38 2.75 -24.44 1.55
C ARG A 38 4.18 -24.21 2.05
N HIS A 39 4.99 -25.26 1.99
CA HIS A 39 6.39 -25.16 2.43
C HIS A 39 7.06 -24.03 1.65
N ASN A 40 7.99 -23.33 2.30
CA ASN A 40 8.71 -22.21 1.69
C ASN A 40 9.26 -22.47 0.29
N ASP A 41 9.82 -23.65 0.08
CA ASP A 41 10.43 -23.96 -1.21
C ASP A 41 9.52 -24.35 -2.37
N ASP A 42 8.20 -24.34 -2.16
CA ASP A 42 7.30 -24.73 -3.23
C ASP A 42 6.70 -23.56 -4.01
N TRP A 43 7.11 -22.35 -3.67
CA TRP A 43 6.54 -21.16 -4.31
C TRP A 43 7.19 -20.54 -5.54
N GLY A 44 8.27 -21.10 -6.04
CA GLY A 44 8.90 -20.50 -7.21
C GLY A 44 9.44 -19.12 -6.84
N THR A 45 9.44 -18.19 -7.82
CA THR A 45 9.94 -16.84 -7.58
C THR A 45 8.88 -15.76 -7.74
N ALA A 46 7.76 -16.11 -8.38
CA ALA A 46 6.68 -15.17 -8.65
C ALA A 46 6.19 -14.29 -7.50
N LEU A 47 6.00 -14.87 -6.32
CA LEU A 47 5.48 -14.15 -5.18
C LEU A 47 6.47 -13.87 -4.05
N GLU A 48 7.75 -13.90 -4.37
CA GLU A 48 8.79 -13.66 -3.37
C GLU A 48 8.58 -12.39 -2.53
N ASP A 49 8.06 -11.33 -3.16
CA ASP A 49 7.85 -10.06 -2.45
C ASP A 49 6.50 -9.93 -1.75
N TYR A 50 5.62 -10.90 -1.95
CA TYR A 50 4.27 -10.87 -1.38
C TYR A 50 4.00 -11.79 -0.19
N LEU A 51 4.64 -12.96 -0.19
CA LEU A 51 4.45 -13.98 0.84
C LEU A 51 4.80 -13.65 2.29
N PHE A 52 4.06 -14.27 3.20
CA PHE A 52 4.27 -14.13 4.64
C PHE A 52 4.88 -15.48 5.01
N SER A 53 5.80 -15.50 5.96
CA SER A 53 6.42 -16.76 6.35
C SER A 53 6.68 -16.93 7.83
N ARG A 54 6.57 -18.17 8.29
CA ARG A 54 6.81 -18.53 9.69
C ARG A 54 7.51 -19.87 9.61
N LYS A 55 8.76 -19.92 10.08
CA LYS A 55 9.55 -21.14 10.05
C LYS A 55 9.68 -21.65 8.61
N ASN A 56 9.34 -22.91 8.38
CA ASN A 56 9.47 -23.50 7.05
C ASN A 56 8.23 -23.33 6.16
N MET A 57 7.27 -22.53 6.59
CA MET A 57 6.05 -22.34 5.82
C MET A 57 5.82 -20.91 5.34
N SER A 58 5.26 -20.79 4.14
CA SER A 58 4.94 -19.49 3.57
C SER A 58 3.45 -19.46 3.23
N ALA A 59 2.86 -18.29 3.30
CA ALA A 59 1.44 -18.15 3.01
C ALA A 59 1.16 -16.96 2.11
N MET A 60 0.25 -17.17 1.15
CA MET A 60 -0.16 -16.10 0.24
C MET A 60 -1.55 -15.69 0.66
N ALA A 61 -1.68 -14.46 1.15
CA ALA A 61 -2.97 -13.93 1.60
C ALA A 61 -3.85 -13.56 0.43
N LEU A 62 -5.12 -13.95 0.52
CA LEU A 62 -6.10 -13.62 -0.51
C LEU A 62 -6.79 -12.34 -0.05
N GLY A 63 -7.95 -12.01 -0.63
CA GLY A 63 -8.60 -10.77 -0.22
C GLY A 63 -7.64 -9.62 -0.50
N PHE A 64 -7.54 -8.68 0.44
CA PHE A 64 -6.65 -7.51 0.28
C PHE A 64 -5.30 -7.71 0.99
N GLY A 65 -5.16 -8.83 1.70
CA GLY A 65 -3.95 -9.09 2.45
C GLY A 65 -2.58 -8.84 1.85
N ALA A 66 -2.39 -9.26 0.60
CA ALA A 66 -1.11 -9.12 -0.07
C ALA A 66 -0.89 -7.74 -0.68
N ILE A 67 -1.89 -6.87 -0.57
CA ILE A 67 -1.79 -5.53 -1.15
C ILE A 67 -1.34 -4.44 -0.19
N PHE A 68 -1.46 -4.69 1.12
CA PHE A 68 -1.05 -3.70 2.11
C PHE A 68 0.44 -3.38 1.99
N ASN A 69 0.75 -2.09 1.92
CA ASN A 69 2.13 -1.64 1.84
C ASN A 69 2.72 -1.61 3.25
N HIS A 70 4.04 -1.43 3.31
CA HIS A 70 4.78 -1.39 4.56
C HIS A 70 5.11 0.05 4.98
N SER A 71 5.29 0.25 6.28
CA SER A 71 5.70 1.56 6.77
C SER A 71 6.46 1.41 8.08
N LYS A 72 7.48 2.24 8.26
CA LYS A 72 8.29 2.22 9.47
C LYS A 72 7.44 2.84 10.57
N ASP A 73 6.40 3.54 10.14
CA ASP A 73 5.46 4.21 11.03
C ASP A 73 4.05 3.79 10.59
N PRO A 74 3.73 2.50 10.75
CA PRO A 74 2.44 1.92 10.37
C PRO A 74 1.25 2.32 11.24
N ASN A 75 0.05 2.27 10.66
CA ASN A 75 -1.15 2.58 11.43
C ASN A 75 -1.96 1.30 11.65
N ALA A 76 -1.39 0.17 11.24
CA ALA A 76 -2.05 -1.12 11.41
C ALA A 76 -1.02 -2.23 11.68
N ARG A 77 -1.52 -3.40 12.07
CA ARG A 77 -0.65 -4.53 12.34
C ARG A 77 -1.31 -5.77 11.76
N HIS A 78 -0.53 -6.81 11.52
CA HIS A 78 -1.08 -8.05 10.99
C HIS A 78 -0.70 -9.24 11.84
N GLU A 79 -1.54 -10.27 11.81
CA GLU A 79 -1.30 -11.50 12.57
C GLU A 79 -1.87 -12.67 11.78
N LEU A 80 -1.23 -13.83 11.90
CA LEU A 80 -1.71 -15.01 11.20
C LEU A 80 -1.91 -16.14 12.21
N THR A 81 -3.00 -16.88 12.03
CA THR A 81 -3.33 -17.97 12.93
C THR A 81 -2.36 -19.14 12.83
N ALA A 82 -2.55 -20.13 13.70
CA ALA A 82 -1.70 -21.31 13.66
C ALA A 82 -1.90 -21.92 12.28
N GLY A 83 -0.81 -22.40 11.68
CA GLY A 83 -0.92 -22.98 10.35
C GLY A 83 -0.97 -21.91 9.27
N LEU A 84 -0.97 -20.65 9.69
CA LEU A 84 -0.99 -19.52 8.76
C LEU A 84 -2.24 -19.52 7.88
N LYS A 85 -3.29 -20.20 8.32
CA LYS A 85 -4.53 -20.32 7.54
C LYS A 85 -5.30 -19.02 7.32
N ARG A 86 -5.27 -18.12 8.29
CA ARG A 86 -5.99 -16.86 8.16
C ARG A 86 -5.15 -15.69 8.65
N MET A 87 -5.34 -14.54 8.03
CA MET A 87 -4.61 -13.35 8.44
C MET A 87 -5.61 -12.25 8.80
N ARG A 88 -5.28 -11.49 9.83
CA ARG A 88 -6.12 -10.39 10.27
C ARG A 88 -5.29 -9.12 10.32
N ILE A 89 -5.88 -8.03 9.86
CA ILE A 89 -5.22 -6.73 9.90
C ILE A 89 -6.05 -5.87 10.85
N PHE A 90 -5.42 -5.39 11.93
CA PHE A 90 -6.07 -4.55 12.92
C PHE A 90 -5.38 -3.19 12.95
N THR A 91 -6.14 -2.13 13.16
CA THR A 91 -5.51 -0.82 13.24
C THR A 91 -4.88 -0.74 14.62
N ILE A 92 -3.88 0.11 14.77
CA ILE A 92 -3.22 0.29 16.06
C ILE A 92 -3.41 1.73 16.51
N LYS A 93 -4.24 2.45 15.75
CA LYS A 93 -4.54 3.86 16.02
C LYS A 93 -5.69 4.26 15.10
N PRO A 94 -6.34 5.40 15.38
CA PRO A 94 -7.45 5.83 14.51
C PRO A 94 -6.96 6.12 13.10
N ILE A 95 -7.76 5.75 12.11
CA ILE A 95 -7.41 6.00 10.71
C ILE A 95 -8.56 6.76 10.05
N ALA A 96 -8.24 7.87 9.40
CA ALA A 96 -9.23 8.71 8.74
C ALA A 96 -9.48 8.27 7.30
N ILE A 97 -10.62 8.69 6.75
CA ILE A 97 -10.98 8.36 5.38
C ILE A 97 -9.90 8.89 4.43
N GLY A 98 -9.52 8.07 3.45
CA GLY A 98 -8.51 8.49 2.48
C GLY A 98 -7.07 8.21 2.88
N GLU A 99 -6.85 7.78 4.12
CA GLU A 99 -5.52 7.50 4.62
C GLU A 99 -5.09 6.08 4.20
N GLU A 100 -3.83 5.92 3.81
CA GLU A 100 -3.38 4.58 3.41
C GLU A 100 -3.17 3.74 4.67
N ILE A 101 -3.54 2.46 4.58
CA ILE A 101 -3.40 1.53 5.70
C ILE A 101 -2.12 0.73 5.47
N THR A 102 -1.20 0.81 6.42
CA THR A 102 0.07 0.13 6.31
C THR A 102 0.38 -0.80 7.48
N ILE A 103 1.21 -1.81 7.23
CA ILE A 103 1.62 -2.76 8.26
C ILE A 103 3.14 -2.81 8.28
N SER A 104 3.71 -3.68 9.11
CA SER A 104 5.16 -3.82 9.18
C SER A 104 5.59 -5.19 8.67
N TYR A 105 6.37 -5.21 7.59
CA TYR A 105 6.84 -6.46 7.01
C TYR A 105 7.94 -7.12 7.83
N GLY A 106 8.57 -6.36 8.72
CA GLY A 106 9.68 -6.90 9.49
C GLY A 106 10.97 -6.38 8.88
N ASP A 107 12.00 -6.21 9.71
CA ASP A 107 13.29 -5.69 9.25
C ASP A 107 13.99 -6.49 8.14
N ASP A 108 14.06 -7.81 8.30
CA ASP A 108 14.74 -8.65 7.32
C ASP A 108 14.22 -8.52 5.89
N TYR A 109 12.93 -8.28 5.73
CA TYR A 109 12.36 -8.12 4.40
C TYR A 109 13.13 -7.04 3.67
N TRP A 110 13.38 -5.93 4.36
CA TRP A 110 14.08 -4.79 3.77
C TRP A 110 15.60 -4.92 3.76
N LEU A 111 16.17 -5.39 4.85
CA LEU A 111 17.61 -5.56 4.92
C LEU A 111 18.09 -6.51 3.82
N SER A 112 17.28 -7.52 3.50
CA SER A 112 17.62 -8.49 2.47
C SER A 112 17.42 -7.95 1.06
N ARG A 113 16.89 -6.73 0.95
CA ARG A 113 16.63 -6.09 -0.34
C ARG A 113 17.28 -4.70 -0.37
N PRO A 114 18.61 -4.64 -0.24
CA PRO A 114 19.32 -3.36 -0.24
C PRO A 114 19.16 -2.50 -1.49
N ARG A 115 18.87 -3.14 -2.63
CA ARG A 115 18.70 -2.37 -3.85
C ARG A 115 17.35 -1.66 -3.88
N LEU A 116 16.42 -2.11 -3.04
CA LEU A 116 15.07 -1.52 -2.99
C LEU A 116 15.02 -0.37 -1.96
N THR A 117 14.44 0.77 -2.36
CA THR A 117 14.35 1.89 -1.44
C THR A 117 13.00 1.92 -0.75
N GLN A 118 13.06 2.03 0.57
CA GLN A 118 11.88 2.06 1.43
C GLN A 118 11.32 3.47 1.61
N ASN A 119 10.03 3.64 1.33
CA ASN A 119 9.38 4.92 1.49
C ASN A 119 8.51 5.03 2.75
N MET B 1 -14.21 -14.06 5.31
CA MET B 1 -14.13 -13.16 4.12
C MET B 1 -15.51 -12.82 3.58
N PHE B 2 -15.81 -11.53 3.45
CA PHE B 2 -17.09 -11.10 2.94
C PHE B 2 -17.16 -9.62 2.64
N ASN B 3 -18.16 -9.24 1.86
CA ASN B 3 -18.42 -7.86 1.49
C ASN B 3 -19.92 -7.73 1.26
N ASP B 4 -20.34 -6.63 0.65
CA ASP B 4 -21.77 -6.42 0.40
C ASP B 4 -22.36 -7.43 -0.58
N ARG B 5 -21.52 -8.03 -1.40
CA ARG B 5 -22.00 -8.98 -2.40
C ARG B 5 -21.81 -10.47 -2.11
N VAL B 6 -20.62 -10.86 -1.65
CA VAL B 6 -20.34 -12.28 -1.40
C VAL B 6 -19.72 -12.56 -0.03
N ILE B 7 -19.66 -13.85 0.30
CA ILE B 7 -19.08 -14.31 1.56
C ILE B 7 -18.50 -15.71 1.34
N VAL B 8 -17.35 -15.97 1.97
CA VAL B 8 -16.71 -17.28 1.83
C VAL B 8 -17.05 -18.22 2.99
N LYS B 9 -17.31 -19.47 2.64
CA LYS B 9 -17.63 -20.49 3.65
C LYS B 9 -17.50 -21.88 3.02
N LYS B 10 -17.45 -22.91 3.87
CA LYS B 10 -17.32 -24.29 3.41
C LYS B 10 -18.30 -24.66 2.31
N SER B 11 -17.77 -25.21 1.22
CA SER B 11 -18.57 -25.60 0.07
C SER B 11 -18.68 -27.13 -0.08
N PRO B 12 -19.89 -27.63 -0.37
CA PRO B 12 -20.12 -29.07 -0.54
C PRO B 12 -19.31 -29.64 -1.69
N LEU B 13 -18.92 -28.77 -2.62
CA LEU B 13 -18.14 -29.17 -3.77
C LEU B 13 -16.72 -29.51 -3.36
N GLY B 14 -16.26 -28.90 -2.27
CA GLY B 14 -14.92 -29.15 -1.79
C GLY B 14 -14.27 -27.92 -1.21
N GLY B 15 -13.78 -28.02 0.02
CA GLY B 15 -13.13 -26.90 0.68
C GLY B 15 -14.02 -25.69 0.82
N TYR B 16 -13.44 -24.52 0.59
CA TYR B 16 -14.18 -23.26 0.69
C TYR B 16 -14.76 -22.88 -0.66
N GLY B 17 -15.75 -21.99 -0.63
CA GLY B 17 -16.39 -21.55 -1.85
C GLY B 17 -16.92 -20.14 -1.65
N VAL B 18 -17.31 -19.48 -2.74
CA VAL B 18 -17.84 -18.13 -2.65
C VAL B 18 -19.36 -18.17 -2.80
N PHE B 19 -20.06 -17.65 -1.80
CA PHE B 19 -21.52 -17.63 -1.81
C PHE B 19 -22.07 -16.22 -1.89
N ALA B 20 -23.25 -16.08 -2.51
CA ALA B 20 -23.88 -14.78 -2.67
C ALA B 20 -24.56 -14.32 -1.38
N ARG B 21 -24.29 -13.08 -0.98
CA ARG B 21 -24.90 -12.52 0.22
C ARG B 21 -26.15 -11.76 -0.20
N LYS B 22 -26.18 -11.35 -1.46
CA LYS B 22 -27.33 -10.64 -2.02
C LYS B 22 -27.82 -11.42 -3.24
N SER B 23 -29.04 -11.13 -3.68
CA SER B 23 -29.60 -11.80 -4.84
C SER B 23 -29.02 -11.15 -6.09
N PHE B 24 -28.62 -11.98 -7.05
CA PHE B 24 -28.04 -11.49 -8.29
C PHE B 24 -28.92 -11.75 -9.50
N GLU B 25 -28.92 -10.81 -10.43
CA GLU B 25 -29.70 -10.94 -11.67
C GLU B 25 -28.69 -11.32 -12.75
N LYS B 26 -29.15 -12.01 -13.78
CA LYS B 26 -28.27 -12.41 -14.86
C LYS B 26 -27.50 -11.21 -15.44
N GLY B 27 -26.19 -11.38 -15.61
CA GLY B 27 -25.37 -10.33 -16.16
C GLY B 27 -24.77 -9.32 -15.18
N GLU B 28 -24.96 -9.53 -13.88
CA GLU B 28 -24.43 -8.61 -12.88
C GLU B 28 -22.99 -8.94 -12.46
N LEU B 29 -22.24 -7.89 -12.14
CA LEU B 29 -20.85 -8.06 -11.72
C LEU B 29 -20.85 -8.63 -10.31
N VAL B 30 -20.16 -9.75 -10.13
CA VAL B 30 -20.08 -10.40 -8.83
C VAL B 30 -18.81 -9.99 -8.10
N GLU B 31 -17.71 -9.93 -8.84
CA GLU B 31 -16.43 -9.59 -8.25
C GLU B 31 -15.44 -9.10 -9.29
N GLU B 32 -14.65 -8.11 -8.90
CA GLU B 32 -13.61 -7.57 -9.75
C GLU B 32 -12.38 -7.54 -8.87
N CYS B 33 -11.30 -8.18 -9.30
CA CYS B 33 -10.09 -8.21 -8.49
C CYS B 33 -8.83 -8.06 -9.31
N LEU B 34 -7.78 -7.57 -8.67
CA LEU B 34 -6.50 -7.42 -9.34
C LEU B 34 -5.81 -8.78 -9.30
N CYS B 35 -4.88 -9.01 -10.23
CA CYS B 35 -4.14 -10.28 -10.28
C CYS B 35 -2.65 -10.00 -10.39
N ILE B 36 -1.84 -10.89 -9.82
CA ILE B 36 -0.39 -10.78 -9.91
C ILE B 36 -0.04 -11.68 -11.09
N VAL B 37 0.67 -11.11 -12.07
CA VAL B 37 1.01 -11.86 -13.27
C VAL B 37 2.50 -12.07 -13.48
N ARG B 38 2.86 -13.32 -13.80
CA ARG B 38 4.25 -13.71 -14.03
C ARG B 38 4.26 -14.85 -15.04
N HIS B 39 5.40 -15.05 -15.70
CA HIS B 39 5.54 -16.12 -16.68
C HIS B 39 5.12 -17.45 -16.03
N ASN B 40 4.52 -18.32 -16.84
CA ASN B 40 4.05 -19.63 -16.35
C ASN B 40 5.06 -20.39 -15.49
N ASP B 41 6.34 -20.34 -15.87
CA ASP B 41 7.39 -21.07 -15.14
C ASP B 41 7.88 -20.50 -13.81
N ASP B 42 7.44 -19.32 -13.42
CA ASP B 42 7.90 -18.73 -12.17
C ASP B 42 7.08 -19.10 -10.94
N TRP B 43 6.04 -19.92 -11.10
CA TRP B 43 5.16 -20.23 -9.96
C TRP B 43 5.37 -21.47 -9.08
N GLY B 44 6.43 -22.24 -9.28
CA GLY B 44 6.62 -23.41 -8.43
C GLY B 44 5.43 -24.36 -8.55
N THR B 45 5.03 -24.97 -7.42
CA THR B 45 3.90 -25.91 -7.43
C THR B 45 2.77 -25.49 -6.49
N ALA B 46 3.07 -24.59 -5.57
CA ALA B 46 2.11 -24.12 -4.57
C ALA B 46 0.74 -23.70 -5.08
N LEU B 47 0.69 -22.97 -6.18
CA LEU B 47 -0.58 -22.49 -6.69
C LEU B 47 -1.05 -23.13 -7.98
N GLU B 48 -0.52 -24.30 -8.30
CA GLU B 48 -0.88 -24.99 -9.53
C GLU B 48 -2.39 -25.11 -9.76
N ASP B 49 -3.15 -25.32 -8.70
CA ASP B 49 -4.60 -25.47 -8.82
C ASP B 49 -5.41 -24.19 -8.73
N TYR B 50 -4.75 -23.07 -8.49
CA TYR B 50 -5.45 -21.79 -8.35
C TYR B 50 -5.29 -20.83 -9.53
N LEU B 51 -4.12 -20.87 -10.17
CA LEU B 51 -3.78 -19.98 -11.27
C LEU B 51 -4.64 -20.01 -12.52
N PHE B 52 -4.75 -18.84 -13.14
CA PHE B 52 -5.47 -18.65 -14.40
C PHE B 52 -4.34 -18.45 -15.41
N SER B 53 -4.49 -18.93 -16.63
CA SER B 53 -3.41 -18.77 -17.60
C SER B 53 -3.81 -18.54 -19.05
N ARG B 54 -2.99 -17.76 -19.75
CA ARG B 54 -3.21 -17.45 -21.16
C ARG B 54 -1.84 -17.32 -21.81
N LYS B 55 -1.60 -18.12 -22.86
CA LYS B 55 -0.32 -18.12 -23.55
C LYS B 55 0.80 -18.49 -22.58
N ASN B 56 1.85 -17.69 -22.52
CA ASN B 56 2.98 -17.97 -21.64
C ASN B 56 2.90 -17.28 -20.27
N MET B 57 1.73 -16.74 -19.95
CA MET B 57 1.54 -16.04 -18.68
C MET B 57 0.48 -16.67 -17.76
N SER B 58 0.72 -16.60 -16.46
CA SER B 58 -0.22 -17.10 -15.46
C SER B 58 -0.50 -15.97 -14.47
N ALA B 59 -1.68 -16.02 -13.85
CA ALA B 59 -2.06 -14.97 -12.92
C ALA B 59 -2.75 -15.51 -11.68
N MET B 60 -2.39 -14.95 -10.53
CA MET B 60 -3.00 -15.33 -9.27
C MET B 60 -3.99 -14.22 -8.91
N ALA B 61 -5.28 -14.56 -8.90
CA ALA B 61 -6.29 -13.56 -8.58
C ALA B 61 -6.35 -13.27 -7.08
N LEU B 62 -6.35 -11.99 -6.73
CA LEU B 62 -6.44 -11.60 -5.33
C LEU B 62 -7.94 -11.48 -5.02
N GLY B 63 -8.29 -10.80 -3.94
CA GLY B 63 -9.69 -10.67 -3.59
C GLY B 63 -10.30 -12.05 -3.38
N PHE B 64 -11.46 -12.29 -4.01
CA PHE B 64 -12.16 -13.57 -3.90
C PHE B 64 -11.96 -14.44 -5.14
N GLY B 65 -11.32 -13.88 -6.16
CA GLY B 65 -11.11 -14.58 -7.41
C GLY B 65 -10.59 -16.01 -7.42
N ALA B 66 -9.64 -16.31 -6.53
CA ALA B 66 -9.05 -17.65 -6.49
C ALA B 66 -9.85 -18.64 -5.66
N ILE B 67 -10.96 -18.19 -5.07
CA ILE B 67 -11.78 -19.05 -4.22
C ILE B 67 -13.01 -19.65 -4.90
N PHE B 68 -13.43 -19.05 -6.02
CA PHE B 68 -14.59 -19.56 -6.76
C PHE B 68 -14.39 -21.00 -7.20
N ASN B 69 -15.33 -21.87 -6.83
CA ASN B 69 -15.26 -23.28 -7.21
C ASN B 69 -15.74 -23.47 -8.65
N HIS B 70 -15.56 -24.68 -9.16
CA HIS B 70 -15.94 -25.04 -10.53
C HIS B 70 -17.29 -25.76 -10.63
N SER B 71 -17.84 -25.77 -11.85
CA SER B 71 -19.11 -26.44 -12.12
C SER B 71 -19.31 -26.57 -13.63
N LYS B 72 -19.77 -27.76 -14.05
CA LYS B 72 -20.01 -28.03 -15.46
C LYS B 72 -21.17 -27.17 -15.94
N ASP B 73 -21.99 -26.73 -14.99
CA ASP B 73 -23.15 -25.89 -15.28
C ASP B 73 -23.13 -24.73 -14.27
N PRO B 74 -22.16 -23.81 -14.42
CA PRO B 74 -21.99 -22.64 -13.55
C PRO B 74 -23.03 -21.55 -13.72
N ASN B 75 -23.17 -20.71 -12.70
CA ASN B 75 -24.11 -19.60 -12.73
C ASN B 75 -23.36 -18.29 -12.98
N ALA B 76 -22.05 -18.40 -13.20
CA ALA B 76 -21.22 -17.24 -13.45
C ALA B 76 -20.09 -17.56 -14.42
N ARG B 77 -19.43 -16.52 -14.92
CA ARG B 77 -18.32 -16.68 -15.85
C ARG B 77 -17.21 -15.72 -15.43
N HIS B 78 -16.01 -15.95 -15.92
CA HIS B 78 -14.89 -15.07 -15.58
C HIS B 78 -14.20 -14.61 -16.85
N GLU B 79 -13.55 -13.45 -16.76
CA GLU B 79 -12.82 -12.88 -17.89
C GLU B 79 -11.63 -12.11 -17.32
N LEU B 80 -10.56 -12.01 -18.10
CA LEU B 80 -9.37 -11.28 -17.67
C LEU B 80 -8.87 -10.34 -18.77
N THR B 81 -8.32 -9.20 -18.36
CA THR B 81 -7.81 -8.22 -19.31
C THR B 81 -6.67 -8.80 -20.13
N ALA B 82 -6.27 -8.09 -21.18
CA ALA B 82 -5.21 -8.54 -22.07
C ALA B 82 -3.98 -9.04 -21.32
N GLY B 83 -3.50 -8.24 -20.36
CA GLY B 83 -2.33 -8.61 -19.59
C GLY B 83 -2.62 -9.42 -18.34
N LEU B 84 -3.85 -9.89 -18.21
CA LEU B 84 -4.29 -10.69 -17.07
C LEU B 84 -4.20 -9.95 -15.73
N LYS B 85 -4.04 -8.63 -15.79
CA LYS B 85 -3.91 -7.82 -14.59
C LYS B 85 -5.21 -7.67 -13.80
N ARG B 86 -6.34 -7.84 -14.46
CA ARG B 86 -7.63 -7.69 -13.79
C ARG B 86 -8.63 -8.77 -14.19
N MET B 87 -9.35 -9.29 -13.21
CA MET B 87 -10.35 -10.32 -13.51
C MET B 87 -11.73 -9.88 -13.04
N ARG B 88 -12.74 -10.22 -13.83
CA ARG B 88 -14.13 -9.89 -13.51
C ARG B 88 -14.99 -11.15 -13.56
N ILE B 89 -15.88 -11.28 -12.60
CA ILE B 89 -16.79 -12.42 -12.53
C ILE B 89 -18.21 -11.89 -12.74
N PHE B 90 -18.88 -12.38 -13.77
CA PHE B 90 -20.25 -11.97 -14.09
C PHE B 90 -21.21 -13.15 -14.01
N THR B 91 -22.43 -12.90 -13.56
CA THR B 91 -23.42 -13.97 -13.48
C THR B 91 -23.91 -14.23 -14.90
N ILE B 92 -24.30 -15.47 -15.18
CA ILE B 92 -24.81 -15.82 -16.49
C ILE B 92 -26.25 -16.28 -16.33
N LYS B 93 -26.74 -16.19 -15.10
CA LYS B 93 -28.11 -16.56 -14.76
C LYS B 93 -28.39 -16.03 -13.34
N PRO B 94 -29.66 -15.94 -12.96
CA PRO B 94 -30.02 -15.43 -11.63
C PRO B 94 -29.41 -16.26 -10.50
N ILE B 95 -29.04 -15.58 -9.42
CA ILE B 95 -28.45 -16.23 -8.25
C ILE B 95 -29.09 -15.66 -6.99
N ALA B 96 -29.71 -16.53 -6.19
CA ALA B 96 -30.37 -16.09 -4.96
C ALA B 96 -29.43 -16.07 -3.76
N ILE B 97 -29.71 -15.17 -2.83
CA ILE B 97 -28.89 -15.06 -1.62
C ILE B 97 -28.75 -16.41 -0.96
N GLY B 98 -27.51 -16.81 -0.66
CA GLY B 98 -27.27 -18.09 -0.04
C GLY B 98 -26.73 -19.14 -0.97
N GLU B 99 -26.90 -18.93 -2.28
CA GLU B 99 -26.41 -19.88 -3.29
C GLU B 99 -24.92 -19.70 -3.56
N GLU B 100 -24.25 -20.80 -3.89
CA GLU B 100 -22.82 -20.75 -4.20
C GLU B 100 -22.62 -20.28 -5.63
N ILE B 101 -21.66 -19.37 -5.81
CA ILE B 101 -21.34 -18.84 -7.12
C ILE B 101 -20.21 -19.66 -7.72
N THR B 102 -20.42 -20.17 -8.94
CA THR B 102 -19.42 -21.00 -9.60
C THR B 102 -19.07 -20.47 -10.99
N ILE B 103 -17.93 -20.96 -11.50
CA ILE B 103 -17.44 -20.57 -12.81
C ILE B 103 -16.89 -21.82 -13.50
N SER B 104 -16.49 -21.69 -14.75
CA SER B 104 -15.93 -22.82 -15.49
C SER B 104 -14.42 -22.64 -15.69
N TYR B 105 -13.63 -23.53 -15.08
CA TYR B 105 -12.18 -23.47 -15.22
C TYR B 105 -11.73 -23.88 -16.61
N GLY B 106 -12.63 -24.52 -17.35
CA GLY B 106 -12.30 -24.99 -18.69
C GLY B 106 -12.12 -26.50 -18.64
N ASP B 107 -12.23 -27.16 -19.79
CA ASP B 107 -12.11 -28.61 -19.85
C ASP B 107 -10.74 -29.15 -19.44
N ASP B 108 -9.68 -28.62 -20.06
CA ASP B 108 -8.32 -29.08 -19.78
C ASP B 108 -7.95 -29.12 -18.30
N TYR B 109 -8.39 -28.13 -17.53
CA TYR B 109 -8.09 -28.09 -16.11
C TYR B 109 -8.42 -29.42 -15.46
N TRP B 110 -9.58 -29.97 -15.80
CA TRP B 110 -10.01 -31.25 -15.23
C TRP B 110 -9.52 -32.46 -15.99
N LEU B 111 -9.33 -32.31 -17.30
CA LEU B 111 -8.85 -33.41 -18.13
C LEU B 111 -7.41 -33.75 -17.75
N SER B 112 -6.76 -32.83 -17.03
CA SER B 112 -5.38 -33.02 -16.61
C SER B 112 -5.31 -33.43 -15.14
N ARG B 113 -6.47 -33.55 -14.50
CA ARG B 113 -6.54 -33.95 -13.10
C ARG B 113 -7.51 -35.12 -12.93
N PRO B 114 -7.19 -36.27 -13.53
CA PRO B 114 -8.04 -37.46 -13.44
C PRO B 114 -8.18 -37.99 -12.02
N ARG B 115 -7.12 -37.83 -11.22
CA ARG B 115 -7.12 -38.30 -9.85
C ARG B 115 -8.12 -37.53 -8.98
N LEU B 116 -8.60 -36.40 -9.47
CA LEU B 116 -9.55 -35.59 -8.72
C LEU B 116 -11.00 -35.83 -9.13
N THR B 117 -11.86 -36.03 -8.15
CA THR B 117 -13.28 -36.27 -8.40
C THR B 117 -13.99 -34.92 -8.53
N GLN B 118 -14.63 -34.70 -9.67
CA GLN B 118 -15.34 -33.44 -9.91
C GLN B 118 -16.79 -33.48 -9.44
N ASN B 119 -17.15 -32.57 -8.55
CA ASN B 119 -18.50 -32.50 -8.02
C ASN B 119 -19.36 -31.56 -8.87
N MET C 1 13.71 8.62 6.15
CA MET C 1 14.15 9.72 7.08
C MET C 1 13.09 10.05 8.09
N PHE C 2 13.43 9.87 9.37
CA PHE C 2 12.51 10.16 10.45
C PHE C 2 13.27 10.19 11.77
N ASN C 3 12.66 10.80 12.77
CA ASN C 3 13.22 10.82 14.11
C ASN C 3 12.03 10.75 15.05
N ASP C 4 12.24 11.09 16.32
CA ASP C 4 11.17 11.02 17.29
C ASP C 4 9.98 11.95 17.07
N ARG C 5 10.16 13.03 16.31
CA ARG C 5 9.07 13.97 16.10
C ARG C 5 8.63 14.28 14.66
N VAL C 6 9.43 13.89 13.68
CA VAL C 6 9.06 14.16 12.29
C VAL C 6 9.43 13.01 11.36
N ILE C 7 8.80 12.99 10.19
CA ILE C 7 9.06 11.96 9.19
C ILE C 7 8.89 12.56 7.79
N VAL C 8 9.77 12.18 6.87
CA VAL C 8 9.69 12.69 5.50
C VAL C 8 8.76 11.81 4.67
N LYS C 9 7.88 12.43 3.91
CA LYS C 9 6.93 11.72 3.06
C LYS C 9 6.60 12.54 1.82
N LYS C 10 5.99 11.90 0.82
CA LYS C 10 5.61 12.62 -0.39
C LYS C 10 4.60 13.69 0.01
N SER C 11 4.76 14.89 -0.54
CA SER C 11 3.86 15.99 -0.21
C SER C 11 2.99 16.43 -1.38
N PRO C 12 1.72 16.76 -1.09
CA PRO C 12 0.77 17.21 -2.11
C PRO C 12 1.20 18.57 -2.65
N LEU C 13 2.04 19.26 -1.87
CA LEU C 13 2.53 20.58 -2.26
C LEU C 13 3.60 20.46 -3.33
N GLY C 14 4.27 19.31 -3.36
CA GLY C 14 5.33 19.08 -4.33
C GLY C 14 6.47 18.27 -3.75
N GLY C 15 6.87 17.23 -4.48
CA GLY C 15 7.97 16.38 -4.03
C GLY C 15 7.81 15.82 -2.63
N TYR C 16 8.88 15.92 -1.84
CA TYR C 16 8.91 15.44 -0.45
C TYR C 16 8.65 16.60 0.52
N GLY C 17 8.14 16.25 1.70
CA GLY C 17 7.86 17.25 2.72
C GLY C 17 8.12 16.63 4.09
N VAL C 18 8.09 17.45 5.14
CA VAL C 18 8.31 16.95 6.50
C VAL C 18 6.98 16.94 7.25
N PHE C 19 6.65 15.80 7.85
CA PHE C 19 5.39 15.65 8.57
C PHE C 19 5.59 15.35 10.06
N ALA C 20 4.59 15.70 10.86
CA ALA C 20 4.65 15.49 12.30
C ALA C 20 4.41 14.02 12.70
N ARG C 21 5.27 13.49 13.56
CA ARG C 21 5.13 12.12 14.04
C ARG C 21 4.49 12.16 15.43
N LYS C 22 4.39 13.37 15.98
CA LYS C 22 3.79 13.55 17.29
C LYS C 22 3.00 14.85 17.28
N SER C 23 2.17 15.02 18.29
CA SER C 23 1.37 16.23 18.41
C SER C 23 2.28 17.37 18.88
N PHE C 24 2.10 18.55 18.29
CA PHE C 24 2.89 19.72 18.65
C PHE C 24 2.00 20.83 19.18
N GLU C 25 2.45 21.52 20.22
CA GLU C 25 1.71 22.65 20.75
C GLU C 25 2.41 23.85 20.12
N LYS C 26 1.79 25.02 20.20
CA LYS C 26 2.38 26.22 19.63
C LYS C 26 3.69 26.62 20.31
N GLY C 27 4.68 27.01 19.50
CA GLY C 27 5.97 27.44 20.02
C GLY C 27 6.97 26.33 20.32
N GLU C 28 6.63 25.10 19.99
CA GLU C 28 7.49 23.96 20.27
C GLU C 28 8.60 23.78 19.22
N LEU C 29 9.78 23.35 19.64
CA LEU C 29 10.89 23.13 18.72
C LEU C 29 10.61 21.92 17.84
N VAL C 30 10.73 22.10 16.53
CA VAL C 30 10.50 21.00 15.60
C VAL C 30 11.82 20.36 15.18
N GLU C 31 12.80 21.22 14.88
CA GLU C 31 14.08 20.74 14.40
C GLU C 31 15.17 21.79 14.58
N GLU C 32 16.38 21.35 14.92
CA GLU C 32 17.53 22.24 15.03
C GLU C 32 18.63 21.52 14.28
N CYS C 33 19.21 22.18 13.28
CA CYS C 33 20.23 21.55 12.48
C CYS C 33 21.39 22.47 12.16
N LEU C 34 22.54 21.86 11.89
CA LEU C 34 23.74 22.61 11.51
C LEU C 34 23.58 22.98 10.04
N CYS C 35 24.22 24.07 9.64
CA CYS C 35 24.18 24.51 8.25
C CYS C 35 25.60 24.73 7.74
N ILE C 36 25.80 24.51 6.45
CA ILE C 36 27.10 24.72 5.82
C ILE C 36 26.92 26.10 5.19
N VAL C 37 27.83 27.02 5.50
CA VAL C 37 27.71 28.40 5.02
C VAL C 37 28.89 28.88 4.19
N ARG C 38 28.58 29.47 3.05
CA ARG C 38 29.58 29.99 2.12
C ARG C 38 29.01 31.20 1.39
N HIS C 39 29.88 31.98 0.77
CA HIS C 39 29.43 33.16 0.03
C HIS C 39 28.36 32.76 -0.99
N ASN C 40 27.37 33.62 -1.17
CA ASN C 40 26.27 33.38 -2.11
C ASN C 40 26.72 32.84 -3.46
N ASP C 41 27.81 33.40 -3.99
CA ASP C 41 28.30 33.02 -5.31
C ASP C 41 29.04 31.69 -5.46
N ASP C 42 29.29 30.99 -4.36
CA ASP C 42 30.03 29.73 -4.44
C ASP C 42 29.21 28.45 -4.55
N TRP C 43 27.90 28.57 -4.68
CA TRP C 43 27.03 27.39 -4.71
C TRP C 43 26.62 26.77 -6.04
N GLY C 44 27.18 27.22 -7.15
CA GLY C 44 26.78 26.65 -8.42
C GLY C 44 25.29 26.85 -8.63
N THR C 45 24.62 25.88 -9.24
CA THR C 45 23.18 25.98 -9.47
C THR C 45 22.39 24.85 -8.82
N ALA C 46 23.10 23.82 -8.37
CA ALA C 46 22.48 22.64 -7.77
C ALA C 46 21.49 22.87 -6.64
N LEU C 47 21.80 23.79 -5.73
CA LEU C 47 20.92 24.01 -4.58
C LEU C 47 20.18 25.34 -4.56
N GLU C 48 20.01 25.94 -5.74
CA GLU C 48 19.32 27.24 -5.82
C GLU C 48 17.96 27.31 -5.12
N ASP C 49 17.18 26.25 -5.20
CA ASP C 49 15.86 26.25 -4.58
C ASP C 49 15.83 25.78 -3.13
N TYR C 50 16.98 25.40 -2.60
CA TYR C 50 17.08 24.89 -1.22
C TYR C 50 17.69 25.84 -0.20
N LEU C 51 18.70 26.60 -0.62
CA LEU C 51 19.45 27.51 0.23
C LEU C 51 18.69 28.62 0.95
N PHE C 52 19.22 28.99 2.12
CA PHE C 52 18.69 30.09 2.93
C PHE C 52 19.76 31.17 2.78
N SER C 53 19.36 32.44 2.70
CA SER C 53 20.36 33.48 2.53
C SER C 53 20.13 34.76 3.33
N ARG C 54 21.24 35.36 3.76
CA ARG C 54 21.24 36.61 4.51
C ARG C 54 22.47 37.40 4.07
N LYS C 55 22.28 38.61 3.58
CA LYS C 55 23.39 39.44 3.14
C LYS C 55 24.24 38.72 2.09
N ASN C 56 25.55 38.65 2.31
CA ASN C 56 26.48 38.03 1.36
C ASN C 56 26.59 36.50 1.49
N MET C 57 25.91 35.91 2.46
CA MET C 57 26.01 34.47 2.70
C MET C 57 24.77 33.62 2.44
N SER C 58 25.02 32.37 2.04
CA SER C 58 23.96 31.39 1.81
C SER C 58 24.29 30.17 2.64
N ALA C 59 23.25 29.48 3.09
CA ALA C 59 23.45 28.30 3.92
C ALA C 59 22.57 27.13 3.51
N MET C 60 23.18 25.95 3.52
CA MET C 60 22.47 24.71 3.19
C MET C 60 22.23 24.01 4.53
N ALA C 61 20.96 23.86 4.90
CA ALA C 61 20.63 23.21 6.17
C ALA C 61 20.78 21.71 6.06
N LEU C 62 21.40 21.10 7.07
CA LEU C 62 21.57 19.66 7.11
C LEU C 62 20.36 19.13 7.88
N GLY C 63 20.41 17.88 8.34
CA GLY C 63 19.26 17.35 9.04
C GLY C 63 18.04 17.36 8.13
N PHE C 64 16.89 17.81 8.64
CA PHE C 64 15.65 17.89 7.86
C PHE C 64 15.39 19.30 7.32
N GLY C 65 16.25 20.24 7.72
CA GLY C 65 16.09 21.64 7.35
C GLY C 65 15.74 21.99 5.91
N ALA C 66 16.40 21.35 4.96
CA ALA C 66 16.17 21.64 3.55
C ALA C 66 14.94 20.96 2.96
N ILE C 67 14.27 20.13 3.75
CA ILE C 67 13.11 19.41 3.24
C ILE C 67 11.75 20.05 3.50
N PHE C 68 11.68 20.96 4.46
CA PHE C 68 10.43 21.64 4.77
C PHE C 68 9.88 22.42 3.57
N ASN C 69 8.62 22.18 3.23
CA ASN C 69 7.97 22.86 2.12
C ASN C 69 7.46 24.24 2.60
N HIS C 70 7.04 25.06 1.65
CA HIS C 70 6.55 26.42 1.92
C HIS C 70 5.03 26.52 1.99
N SER C 71 4.56 27.59 2.61
CA SER C 71 3.13 27.91 2.71
C SER C 71 2.98 29.38 3.06
N LYS C 72 2.03 30.05 2.41
CA LYS C 72 1.78 31.46 2.67
C LYS C 72 1.15 31.61 4.05
N ASP C 73 0.61 30.50 4.56
CA ASP C 73 -0.03 30.46 5.88
C ASP C 73 0.54 29.22 6.56
N PRO C 74 1.85 29.24 6.88
CA PRO C 74 2.57 28.14 7.53
C PRO C 74 2.22 27.89 8.99
N ASN C 75 2.53 26.69 9.46
CA ASN C 75 2.28 26.36 10.85
C ASN C 75 3.58 26.36 11.65
N ALA C 76 4.67 26.77 11.00
CA ALA C 76 5.97 26.83 11.65
C ALA C 76 6.81 28.01 11.15
N ARG C 77 7.85 28.34 11.92
CA ARG C 77 8.76 29.44 11.57
C ARG C 77 10.19 28.91 11.64
N HIS C 78 11.10 29.63 11.00
CA HIS C 78 12.52 29.26 11.02
C HIS C 78 13.38 30.47 11.34
N GLU C 79 14.53 30.22 11.94
CA GLU C 79 15.46 31.28 12.28
C GLU C 79 16.87 30.72 12.14
N LEU C 80 17.83 31.58 11.83
CA LEU C 80 19.20 31.13 11.71
C LEU C 80 20.07 32.02 12.57
N THR C 81 20.97 31.39 13.32
CA THR C 81 21.86 32.09 14.23
C THR C 81 22.92 32.93 13.50
N ALA C 82 23.74 33.63 14.28
CA ALA C 82 24.79 34.48 13.72
C ALA C 82 25.66 33.66 12.76
N GLY C 83 25.93 34.23 11.59
CA GLY C 83 26.75 33.52 10.62
C GLY C 83 26.00 32.41 9.92
N LEU C 84 24.69 32.30 10.19
CA LEU C 84 23.82 31.26 9.60
C LEU C 84 24.28 29.85 9.90
N LYS C 85 25.05 29.68 10.97
CA LYS C 85 25.61 28.39 11.35
C LYS C 85 24.61 27.33 11.86
N ARG C 86 23.50 27.79 12.42
CA ARG C 86 22.50 26.88 12.96
C ARG C 86 21.11 27.36 12.56
N MET C 87 20.20 26.43 12.27
CA MET C 87 18.84 26.83 11.93
C MET C 87 17.90 26.10 12.88
N ARG C 88 16.83 26.78 13.28
CA ARG C 88 15.85 26.18 14.17
C ARG C 88 14.48 26.37 13.56
N ILE C 89 13.64 25.33 13.70
CA ILE C 89 12.27 25.39 13.20
C ILE C 89 11.39 25.24 14.43
N PHE C 90 10.49 26.20 14.66
CA PHE C 90 9.56 26.19 15.79
C PHE C 90 8.13 26.26 15.24
N THR C 91 7.17 25.62 15.90
CA THR C 91 5.79 25.71 15.43
C THR C 91 5.26 27.08 15.85
N ILE C 92 4.27 27.59 15.13
CA ILE C 92 3.65 28.87 15.48
C ILE C 92 2.16 28.68 15.71
N LYS C 93 1.76 27.41 15.80
CA LYS C 93 0.38 27.01 16.06
C LYS C 93 0.42 25.51 16.34
N PRO C 94 -0.67 24.93 16.86
CA PRO C 94 -0.64 23.49 17.12
C PRO C 94 -0.55 22.70 15.83
N ILE C 95 0.13 21.57 15.88
CA ILE C 95 0.28 20.71 14.71
C ILE C 95 -0.10 19.29 15.11
N ALA C 96 -0.97 18.67 14.32
CA ALA C 96 -1.43 17.31 14.61
C ALA C 96 -0.56 16.26 13.93
N ILE C 97 -0.59 15.05 14.48
CA ILE C 97 0.17 13.93 13.91
C ILE C 97 -0.27 13.71 12.47
N GLY C 98 0.69 13.60 11.57
CA GLY C 98 0.39 13.36 10.17
C GLY C 98 0.25 14.63 9.34
N GLU C 99 0.20 15.77 10.02
CA GLU C 99 0.07 17.05 9.34
C GLU C 99 1.43 17.50 8.81
N GLU C 100 1.46 18.07 7.61
CA GLU C 100 2.72 18.53 7.05
C GLU C 100 3.14 19.81 7.76
N ILE C 101 4.44 19.93 8.02
CA ILE C 101 5.00 21.10 8.69
C ILE C 101 5.59 22.02 7.63
N THR C 102 5.10 23.26 7.60
CA THR C 102 5.56 24.24 6.62
C THR C 102 6.10 25.52 7.25
N ILE C 103 6.95 26.21 6.48
CA ILE C 103 7.54 27.48 6.90
C ILE C 103 7.31 28.43 5.73
N SER C 104 7.62 29.71 5.93
CA SER C 104 7.49 30.66 4.84
C SER C 104 8.87 31.01 4.30
N TYR C 105 9.10 30.73 3.02
CA TYR C 105 10.39 31.04 2.40
C TYR C 105 10.51 32.54 2.16
N GLY C 106 9.42 33.27 2.32
CA GLY C 106 9.44 34.71 2.09
C GLY C 106 8.86 35.00 0.71
N ASP C 107 8.32 36.20 0.52
CA ASP C 107 7.71 36.54 -0.77
C ASP C 107 8.67 36.55 -1.97
N ASP C 108 9.86 37.11 -1.79
CA ASP C 108 10.80 37.18 -2.90
C ASP C 108 11.15 35.84 -3.53
N TYR C 109 11.16 34.79 -2.71
CA TYR C 109 11.48 33.46 -3.21
C TYR C 109 10.51 33.11 -4.34
N TRP C 110 9.23 33.40 -4.13
CA TRP C 110 8.21 33.08 -5.12
C TRP C 110 8.04 34.14 -6.21
N LEU C 111 8.29 35.39 -5.87
CA LEU C 111 8.19 36.48 -6.84
C LEU C 111 9.28 36.31 -7.90
N SER C 112 10.42 35.75 -7.50
CA SER C 112 11.52 35.55 -8.44
C SER C 112 11.37 34.24 -9.22
N ARG C 113 10.30 33.51 -8.93
CA ARG C 113 10.02 32.25 -9.61
C ARG C 113 8.56 32.31 -10.07
N PRO C 114 8.21 33.32 -10.87
CA PRO C 114 6.86 33.53 -11.39
C PRO C 114 6.21 32.34 -12.11
N ARG C 115 7.01 31.47 -12.70
CA ARG C 115 6.48 30.32 -13.43
C ARG C 115 6.25 29.08 -12.58
N LEU C 116 6.71 29.12 -11.33
CA LEU C 116 6.56 27.97 -10.44
C LEU C 116 5.26 28.06 -9.62
N THR C 117 4.32 27.18 -9.93
CA THR C 117 3.04 27.16 -9.22
C THR C 117 3.23 26.98 -7.72
N GLN C 118 2.64 27.88 -6.93
CA GLN C 118 2.75 27.80 -5.48
C GLN C 118 1.46 27.18 -4.94
N ASN C 119 1.59 26.04 -4.29
CA ASN C 119 0.42 25.37 -3.73
C ASN C 119 0.25 25.72 -2.26
N ALA D 1 14.50 -12.35 2.25
CA ALA D 1 13.62 -12.83 3.35
C ALA D 1 12.18 -12.40 3.09
N ARG D 2 11.22 -13.24 3.46
CA ARG D 2 9.82 -12.91 3.25
C ARG D 2 9.26 -12.13 4.44
N SER D 4 7.18 -11.11 7.87
CA SER D 4 7.05 -11.71 9.18
C SER D 4 5.61 -12.21 9.27
N ALA D 5 5.33 -13.07 10.23
CA ALA D 5 3.97 -13.57 10.41
C ALA D 5 3.71 -13.63 11.92
N PRO D 6 3.40 -12.47 12.53
CA PRO D 6 3.13 -12.43 13.97
C PRO D 6 2.03 -13.40 14.38
N ALA D 7 2.19 -14.01 15.54
CA ALA D 7 1.20 -14.95 16.05
C ALA D 7 0.08 -14.18 16.72
N THR D 8 -1.09 -14.82 16.80
CA THR D 8 -2.27 -14.22 17.42
C THR D 8 -2.03 -14.04 18.91
N ALA E 1 -2.92 -28.78 -16.22
CA ALA E 1 -3.34 -27.56 -16.97
C ALA E 1 -4.02 -26.56 -16.05
N ARG E 2 -3.67 -25.29 -16.19
CA ARG E 2 -4.23 -24.23 -15.37
C ARG E 2 -5.56 -23.74 -15.94
N SER E 4 -8.61 -21.46 -17.53
CA SER E 4 -8.64 -20.70 -18.76
C SER E 4 -8.71 -19.23 -18.37
N ALA E 5 -8.52 -18.36 -19.35
CA ALA E 5 -8.57 -16.92 -19.11
C ALA E 5 -9.32 -16.23 -20.25
N PRO E 6 -10.66 -16.35 -20.25
CA PRO E 6 -11.47 -15.73 -21.30
C PRO E 6 -11.17 -14.25 -21.50
N ALA E 7 -11.08 -13.84 -22.77
CA ALA E 7 -10.79 -12.45 -23.11
C ALA E 7 -11.93 -11.53 -22.73
N THR E 8 -11.59 -10.29 -22.40
CA THR E 8 -12.58 -9.29 -22.00
C THR E 8 -13.05 -8.49 -23.21
N ALA F 1 16.00 34.81 -6.09
CA ALA F 1 16.03 35.15 -4.64
C ALA F 1 15.89 33.88 -3.81
N ARG F 2 16.85 33.64 -2.92
CA ARG F 2 16.81 32.45 -2.08
C ARG F 2 15.91 32.64 -0.87
N SER F 4 14.44 33.23 2.91
CA SER F 4 14.73 34.25 3.89
C SER F 4 15.50 33.54 5.01
N ALA F 5 16.18 34.32 5.84
CA ALA F 5 16.92 33.78 6.97
C ALA F 5 16.65 34.67 8.18
N PRO F 6 15.47 34.51 8.80
CA PRO F 6 15.12 35.34 9.96
C PRO F 6 16.20 35.28 11.04
N ALA F 7 16.41 36.40 11.73
CA ALA F 7 17.41 36.49 12.77
C ALA F 7 16.87 35.91 14.09
N THR F 8 17.78 35.54 14.97
CA THR F 8 17.42 34.99 16.28
C THR F 8 17.34 36.11 17.32
#